data_2GDE
#
_entry.id   2GDE
#
_cell.length_a   70.084
_cell.length_b   72.169
_cell.length_c   70.357
_cell.angle_alpha   90.00
_cell.angle_beta   99.06
_cell.angle_gamma   90.00
#
_symmetry.space_group_name_H-M   'C 1 2 1'
#
loop_
_entity.id
_entity.type
_entity.pdbx_description
1 polymer 'Thrombin light chain'
2 polymer 'Thrombin heavy chain'
3 polymer Hirudin
4 non-polymer 'SODIUM ION'
5 non-polymer '(R)-3-((2S,3R)-1-((2S,3AR,5S,6S,7AS)-2-(2-(1-CARBAMIMIDOYL-2,5-DIHYDRO-1H-PYRROL-3-YL)ETHYLCARBAMOYL)-5,6-DIHYDROXYOCTA HYDRO-1H-INDOL-1-YL)-3-CHLORO-4-METHYL-1-OXOPENTAN-2-YLAMINO)-2-METHOXY-3-OXOPROPYL HYDROGEN SULFATE'
6 water water
#
loop_
_entity_poly.entity_id
_entity_poly.type
_entity_poly.pdbx_seq_one_letter_code
_entity_poly.pdbx_strand_id
1 'polypeptide(L)' TFGSGEADCGLRPLFEKKSLEDKTERELLESYIDGR L
2 'polypeptide(L)'
;IVEGSDAEIGMSPWQVMLFRKSPQELLCGASLISDRWVLTAAHCLLYPPWDKNFTENDLLVRIGKHSRTRYERNIEKISM
LEKIYIHPRYNWRENLDRDIALMKLKKPVAFSDYIHPVCLPDRETAASLLQAGYKGRVTGWGNLKETWTANVGKGQPSVL
QVVNLPIVERPVCKDSTRIRITDNMFCAGYKPDEGKRGDACEGDSGGPFVMKSPFNNRWYQMGIVSWGEGCDRDGKYGFY
THVFRLKKWIQKVIDQFGE
;
H
3 'polypeptide(L)' DFEEIPGE(TYS)L D
#
# COMPACT_ATOMS: atom_id res chain seq x y z
N ALA A 7 -0.25 -20.30 -2.94
CA ALA A 7 -1.26 -19.74 -3.90
C ALA A 7 -0.60 -19.37 -5.24
N ASP A 8 -1.31 -18.56 -6.03
CA ASP A 8 -0.72 -17.94 -7.21
C ASP A 8 -0.31 -16.48 -6.92
N CYS A 9 -0.11 -16.15 -5.63
CA CYS A 9 0.08 -14.77 -5.24
C CYS A 9 1.38 -14.19 -5.80
N GLY A 10 1.38 -12.88 -6.06
CA GLY A 10 2.63 -12.13 -6.29
C GLY A 10 3.22 -12.35 -7.65
N LEU A 11 2.52 -13.12 -8.49
CA LEU A 11 2.96 -13.31 -9.88
C LEU A 11 2.06 -12.51 -10.79
N ARG A 12 2.60 -11.45 -11.40
CA ARG A 12 1.73 -10.54 -12.18
C ARG A 12 1.40 -11.13 -13.58
N PRO A 13 0.10 -11.20 -13.94
CA PRO A 13 -0.22 -11.68 -15.29
C PRO A 13 0.60 -10.98 -16.40
N LEU A 14 0.84 -9.68 -16.27
CA LEU A 14 1.49 -8.98 -17.37
C LEU A 14 3.01 -8.96 -17.27
N PHE A 15 3.52 -9.49 -16.16
CA PHE A 15 4.94 -9.50 -15.98
C PHE A 15 5.52 -10.89 -15.72
N GLU A 16 5.64 -11.32 -14.46
CA GLU A 16 6.17 -12.66 -14.17
C GLU A 16 5.52 -13.77 -14.98
N LYS A 17 4.20 -13.76 -15.09
CA LYS A 17 3.49 -14.82 -15.81
C LYS A 17 3.86 -14.93 -17.29
N LYS A 18 4.24 -13.79 -17.89
CA LYS A 18 4.67 -13.69 -19.28
C LYS A 18 6.18 -13.63 -19.42
N SER A 19 6.87 -13.63 -18.29
CA SER A 19 8.35 -13.42 -18.23
C SER A 19 8.81 -12.09 -18.83
N LEU A 20 8.03 -11.03 -18.56
CA LEU A 20 8.42 -9.66 -18.87
C LEU A 20 8.77 -8.92 -17.59
N GLU A 21 9.76 -8.05 -17.65
CA GLU A 21 10.20 -7.28 -16.49
C GLU A 21 9.67 -5.88 -16.64
N ASP A 22 9.31 -5.26 -15.51
CA ASP A 22 8.92 -3.86 -15.53
C ASP A 22 10.18 -3.02 -15.52
N LYS A 23 10.04 -1.73 -15.83
CA LYS A 23 11.20 -0.84 -15.99
C LYS A 23 12.10 -0.66 -14.77
N THR A 24 11.62 -0.96 -13.55
CA THR A 24 12.49 -0.70 -12.41
C THR A 24 12.68 -1.82 -11.38
N GLU A 25 12.07 -2.98 -11.61
CA GLU A 25 12.18 -4.06 -10.64
C GLU A 25 13.63 -4.48 -10.45
N ARG A 26 14.42 -4.30 -11.50
CA ARG A 26 15.85 -4.63 -11.46
C ARG A 26 16.60 -3.88 -10.35
N GLU A 27 16.22 -2.61 -10.15
CA GLU A 27 16.72 -1.78 -9.05
C GLU A 27 16.57 -2.46 -7.68
N LEU A 28 15.44 -3.17 -7.48
CA LEU A 28 15.19 -3.82 -6.21
C LEU A 28 16.09 -5.04 -6.03
N LEU A 29 16.25 -5.83 -7.10
CA LEU A 29 17.09 -7.02 -7.10
C LEU A 29 18.56 -6.66 -6.81
N GLU A 30 18.98 -5.60 -7.48
CA GLU A 30 20.28 -5.00 -7.36
C GLU A 30 20.53 -4.65 -5.90
N SER A 31 19.52 -4.08 -5.22
CA SER A 31 19.70 -3.65 -3.83
C SER A 31 19.97 -4.78 -2.82
N TYR A 32 19.82 -6.03 -3.22
CA TYR A 32 20.14 -7.12 -2.29
C TYR A 32 21.64 -7.39 -2.27
N ILE A 33 22.40 -6.29 -2.36
CA ILE A 33 23.88 -6.27 -2.44
C ILE A 33 24.52 -7.57 -2.92
N ILE B 1 2.20 10.03 -4.20
CA ILE B 1 3.65 9.70 -4.29
C ILE B 1 4.43 10.93 -4.74
N VAL B 2 5.52 11.21 -4.05
CA VAL B 2 6.36 12.36 -4.36
C VAL B 2 7.65 11.92 -4.99
N GLU B 3 7.96 12.53 -6.13
CA GLU B 3 9.17 12.23 -6.89
C GLU B 3 9.22 10.77 -7.38
N GLY B 4 8.07 10.25 -7.79
CA GLY B 4 7.97 8.91 -8.40
C GLY B 4 7.71 8.99 -9.90
N SER B 5 7.21 7.90 -10.47
CA SER B 5 6.85 7.84 -11.90
C SER B 5 5.49 7.19 -12.11
N ASP B 6 4.89 7.42 -13.27
CA ASP B 6 3.69 6.69 -13.70
C ASP B 6 3.92 5.18 -13.62
N ALA B 7 2.94 4.45 -13.11
CA ALA B 7 3.07 2.98 -13.09
C ALA B 7 2.85 2.45 -14.51
N GLU B 8 3.46 1.32 -14.85
CA GLU B 8 3.07 0.63 -16.08
C GLU B 8 1.71 -0.05 -15.87
N ILE B 9 1.01 -0.33 -16.97
CA ILE B 9 -0.22 -1.10 -16.93
C ILE B 9 0.03 -2.49 -16.30
N GLY B 10 -0.81 -2.88 -15.33
CA GLY B 10 -0.68 -4.18 -14.66
C GLY B 10 0.52 -4.38 -13.75
N MET B 11 1.30 -3.31 -13.55
CA MET B 11 2.51 -3.34 -12.74
C MET B 11 2.25 -3.63 -11.25
N SER B 12 1.03 -3.33 -10.81
CA SER B 12 0.67 -3.43 -9.42
C SER B 12 -0.79 -3.93 -9.31
N PRO B 13 -1.07 -5.17 -9.76
CA PRO B 13 -2.44 -5.64 -9.90
C PRO B 13 -3.14 -5.87 -8.57
N TRP B 14 -2.41 -5.64 -7.46
CA TRP B 14 -2.96 -5.79 -6.13
C TRP B 14 -3.37 -4.41 -5.56
N GLN B 15 -3.02 -3.33 -6.28
CA GLN B 15 -3.36 -2.00 -5.85
C GLN B 15 -4.88 -1.83 -5.84
N VAL B 16 -5.38 -1.32 -4.72
CA VAL B 16 -6.82 -1.12 -4.49
C VAL B 16 -7.02 0.36 -4.10
N MET B 17 -8.08 0.99 -4.63
CA MET B 17 -8.46 2.35 -4.23
C MET B 17 -9.66 2.23 -3.31
N LEU B 18 -9.56 2.78 -2.10
CA LEU B 18 -10.73 2.94 -1.24
C LEU B 18 -11.46 4.19 -1.70
N PHE B 19 -12.71 4.03 -2.08
CA PHE B 19 -13.48 5.10 -2.70
C PHE B 19 -14.67 5.51 -1.84
N ARG B 20 -14.78 6.80 -1.60
CA ARG B 20 -15.92 7.38 -0.90
C ARG B 20 -17.12 7.50 -1.84
N LYS B 21 -18.27 6.99 -1.37
CA LYS B 21 -19.52 7.12 -2.09
C LYS B 21 -20.05 8.56 -2.15
N SER B 22 -20.21 9.21 -0.99
CA SER B 22 -20.85 10.54 -0.84
C SER B 22 -20.20 11.65 -1.67
N PRO B 23 -19.31 12.50 -1.10
CA PRO B 23 -18.58 13.09 -2.22
C PRO B 23 -17.70 11.96 -2.81
N GLN B 24 -18.07 11.51 -4.01
CA GLN B 24 -17.30 10.50 -4.71
C GLN B 24 -15.87 10.98 -4.77
N GLU B 25 -15.02 10.37 -3.95
CA GLU B 25 -13.61 10.76 -3.91
C GLU B 25 -12.71 9.64 -3.40
N LEU B 26 -11.43 9.75 -3.74
CA LEU B 26 -10.42 8.82 -3.26
C LEU B 26 -10.29 9.05 -1.76
N LEU B 27 -10.34 7.97 -0.98
CA LEU B 27 -10.02 8.04 0.43
C LEU B 27 -8.57 7.65 0.71
N CYS B 28 -8.15 6.48 0.20
CA CYS B 28 -6.88 5.88 0.55
C CYS B 28 -6.47 4.85 -0.52
N GLY B 29 -5.30 4.26 -0.35
CA GLY B 29 -4.99 3.04 -1.07
C GLY B 29 -5.24 1.84 -0.19
N ALA B 30 -4.95 0.67 -0.74
CA ALA B 30 -5.24 -0.61 -0.12
C ALA B 30 -4.59 -1.66 -1.01
N SER B 31 -4.55 -2.93 -0.58
CA SER B 31 -4.03 -3.98 -1.43
C SER B 31 -4.92 -5.23 -1.38
N LEU B 32 -4.93 -5.99 -2.48
CA LEU B 32 -5.73 -7.20 -2.58
C LEU B 32 -4.84 -8.39 -2.20
N ILE B 33 -5.25 -9.16 -1.19
CA ILE B 33 -4.42 -10.26 -0.70
C ILE B 33 -5.10 -11.63 -0.89
N SER B 34 -6.36 -11.63 -1.30
CA SER B 34 -7.02 -12.85 -1.82
C SER B 34 -8.14 -12.39 -2.71
N ASP B 35 -9.02 -13.31 -3.14
CA ASP B 35 -10.18 -12.91 -3.95
C ASP B 35 -11.25 -12.17 -3.15
N ARG B 36 -11.14 -12.20 -1.82
CA ARG B 36 -12.19 -11.67 -0.94
C ARG B 36 -11.71 -10.72 0.19
N TRP B 37 -10.40 -10.48 0.26
CA TRP B 37 -9.74 -9.74 1.37
C TRP B 37 -8.83 -8.63 0.86
N VAL B 38 -9.01 -7.45 1.45
CA VAL B 38 -8.27 -6.26 1.08
C VAL B 38 -7.62 -5.73 2.36
N LEU B 39 -6.37 -5.30 2.25
CA LEU B 39 -5.58 -4.79 3.38
C LEU B 39 -5.43 -3.27 3.25
N THR B 40 -5.61 -2.55 4.37
CA THR B 40 -5.42 -1.10 4.36
C THR B 40 -4.83 -0.55 5.69
N ALA B 41 -4.60 0.76 5.79
CA ALA B 41 -4.18 1.32 7.07
C ALA B 41 -5.42 1.54 7.93
N ALA B 42 -5.34 1.28 9.23
CA ALA B 42 -6.47 1.56 10.14
C ALA B 42 -6.93 3.01 10.07
N HIS B 43 -5.99 3.95 9.98
CA HIS B 43 -6.33 5.37 10.10
C HIS B 43 -7.12 5.90 8.87
N CYS B 44 -7.17 5.11 7.80
CA CYS B 44 -8.04 5.39 6.65
C CYS B 44 -9.51 5.24 7.02
N LEU B 45 -9.78 4.34 7.95
CA LEU B 45 -11.15 3.99 8.31
C LEU B 45 -11.60 4.56 9.65
N LEU B 46 -10.65 4.64 10.59
CA LEU B 46 -10.92 5.05 11.96
C LEU B 46 -9.87 6.05 12.41
N TYR B 47 -10.29 7.28 12.62
CA TYR B 47 -9.44 8.29 13.25
C TYR B 47 -10.25 9.27 14.10
N PRO B 48 -10.56 8.87 15.35
CA PRO B 48 -11.38 9.72 16.24
C PRO B 48 -10.92 11.17 16.44
N PRO B 49 -9.61 11.46 16.58
CA PRO B 49 -9.35 12.88 16.81
C PRO B 49 -9.97 13.82 15.76
N TRP B 50 -10.26 13.30 14.57
CA TRP B 50 -10.83 14.06 13.47
C TRP B 50 -12.23 13.58 13.13
N ASP B 51 -12.83 12.77 14.00
CA ASP B 51 -14.23 12.29 13.87
C ASP B 51 -14.50 11.26 12.76
N LYS B 52 -13.43 10.76 12.15
CA LYS B 52 -13.50 9.73 11.11
C LYS B 52 -13.75 8.35 11.71
N ASN B 53 -14.84 7.72 11.30
CA ASN B 53 -15.16 6.36 11.70
C ASN B 53 -16.08 5.74 10.66
N PHE B 54 -15.50 5.21 9.58
CA PHE B 54 -16.27 4.66 8.46
C PHE B 54 -17.03 3.36 8.72
N THR B 55 -18.24 3.30 8.16
CA THR B 55 -18.98 2.04 8.06
C THR B 55 -18.80 1.48 6.65
N GLU B 56 -19.00 0.17 6.54
CA GLU B 56 -18.94 -0.56 5.27
C GLU B 56 -19.68 0.16 4.16
N ASN B 57 -20.93 0.56 4.46
CA ASN B 57 -21.82 1.15 3.46
C ASN B 57 -21.38 2.52 2.94
N ASP B 58 -20.40 3.13 3.60
CA ASP B 58 -19.88 4.45 3.19
C ASP B 58 -18.88 4.37 2.03
N LEU B 59 -18.32 3.18 1.82
CA LEU B 59 -17.14 3.00 0.96
C LEU B 59 -17.36 2.01 -0.16
N LEU B 60 -16.54 2.16 -1.19
CA LEU B 60 -16.42 1.14 -2.21
C LEU B 60 -14.93 0.87 -2.41
N VAL B 61 -14.58 -0.32 -2.89
CA VAL B 61 -13.20 -0.59 -3.35
C VAL B 61 -13.12 -0.74 -4.86
N ARG B 62 -12.12 -0.09 -5.45
CA ARG B 62 -11.94 -0.15 -6.88
C ARG B 62 -10.60 -0.82 -7.18
N ILE B 63 -10.68 -1.94 -7.89
CA ILE B 63 -9.60 -2.88 -8.06
C ILE B 63 -9.35 -2.98 -9.56
N GLY B 64 -8.07 -3.03 -9.96
CA GLY B 64 -7.69 -3.12 -11.37
C GLY B 64 -7.42 -1.77 -12.01
N LYS B 65 -7.32 -0.72 -11.19
CA LYS B 65 -7.25 0.66 -11.67
C LYS B 65 -5.84 1.13 -12.06
N HIS B 66 -5.80 2.12 -12.95
CA HIS B 66 -4.57 2.80 -13.34
C HIS B 66 -4.81 4.32 -13.23
N SER B 67 -5.70 4.85 -14.07
CA SER B 67 -6.16 6.25 -13.97
C SER B 67 -6.86 6.52 -12.63
N ARG B 68 -6.48 7.63 -11.99
CA ARG B 68 -7.11 8.11 -10.73
C ARG B 68 -8.61 8.41 -10.83
N THR B 69 -8.98 9.25 -11.80
CA THR B 69 -10.29 9.88 -11.84
C THR B 69 -11.29 9.13 -12.70
N ARG B 70 -10.81 8.56 -13.82
CA ARG B 70 -11.69 7.95 -14.82
C ARG B 70 -12.22 6.59 -14.41
N TYR B 71 -13.49 6.32 -14.71
CA TYR B 71 -14.04 4.98 -14.52
C TYR B 71 -13.53 4.09 -15.63
N GLU B 72 -12.82 3.02 -15.27
CA GLU B 72 -12.06 2.28 -16.27
C GLU B 72 -12.86 1.08 -16.75
N ARG B 73 -13.77 1.39 -17.67
CA ARG B 73 -14.80 0.45 -18.15
C ARG B 73 -14.12 -0.81 -18.73
N ASN B 74 -14.65 -1.98 -18.37
CA ASN B 74 -14.13 -3.31 -18.78
C ASN B 74 -12.80 -3.75 -18.13
N ILE B 75 -12.24 -2.91 -17.25
CA ILE B 75 -10.93 -3.15 -16.64
C ILE B 75 -11.08 -3.24 -15.13
N GLU B 76 -11.46 -2.12 -14.51
CA GLU B 76 -11.59 -2.07 -13.05
C GLU B 76 -12.83 -2.81 -12.63
N LYS B 77 -12.82 -3.35 -11.42
CA LYS B 77 -14.03 -3.85 -10.81
C LYS B 77 -14.20 -3.09 -9.51
N ILE B 78 -15.46 -2.79 -9.21
CA ILE B 78 -15.84 -2.04 -8.02
C ILE B 78 -16.62 -3.00 -7.12
N SER B 79 -16.20 -3.15 -5.87
CA SER B 79 -16.86 -4.09 -4.95
C SER B 79 -17.39 -3.33 -3.73
N MET B 80 -18.40 -3.91 -3.11
CA MET B 80 -18.94 -3.43 -1.85
C MET B 80 -18.25 -4.19 -0.73
N LEU B 81 -18.24 -3.64 0.48
CA LEU B 81 -17.59 -4.34 1.60
C LEU B 81 -18.63 -5.03 2.45
N GLU B 82 -18.31 -6.25 2.86
CA GLU B 82 -19.10 -7.00 3.80
C GLU B 82 -18.79 -6.50 5.20
N LYS B 83 -17.51 -6.52 5.54
CA LYS B 83 -17.10 -6.27 6.93
C LYS B 83 -15.73 -5.57 7.01
N ILE B 84 -15.60 -4.63 7.94
CA ILE B 84 -14.34 -3.97 8.25
C ILE B 84 -13.82 -4.51 9.57
N TYR B 85 -12.52 -4.84 9.63
CA TYR B 85 -11.87 -5.25 10.88
C TYR B 85 -10.63 -4.41 11.16
N ILE B 86 -10.67 -3.65 12.26
CA ILE B 86 -9.52 -2.85 12.70
C ILE B 86 -8.70 -3.64 13.73
N HIS B 87 -7.37 -3.57 13.65
CA HIS B 87 -6.56 -4.20 14.70
C HIS B 87 -7.09 -3.71 16.06
N PRO B 88 -7.38 -4.63 16.99
CA PRO B 88 -7.85 -4.26 18.34
C PRO B 88 -6.88 -3.32 19.07
N ARG B 89 -5.60 -3.35 18.74
CA ARG B 89 -4.65 -2.53 19.45
C ARG B 89 -4.07 -1.41 18.61
N TYR B 90 -4.74 -1.10 17.50
CA TYR B 90 -4.41 0.09 16.74
C TYR B 90 -4.41 1.31 17.67
N ASN B 91 -3.27 2.04 17.70
CA ASN B 91 -3.07 3.17 18.61
C ASN B 91 -3.22 4.54 17.94
N TRP B 92 -4.46 4.97 17.76
CA TRP B 92 -4.77 6.26 17.19
C TRP B 92 -4.53 7.38 18.20
N ARG B 93 -4.48 7.02 19.48
CA ARG B 93 -4.24 8.02 20.53
C ARG B 93 -2.86 8.68 20.43
N GLU B 94 -1.86 7.91 20.07
CA GLU B 94 -0.49 8.40 20.15
C GLU B 94 0.27 8.49 18.81
N ASN B 95 0.59 7.33 18.22
CA ASN B 95 1.61 7.24 17.17
C ASN B 95 1.23 6.34 16.01
N LEU B 96 -0.02 5.86 16.00
CA LEU B 96 -0.51 4.94 14.92
C LEU B 96 0.18 3.59 14.93
N ASP B 97 0.54 3.15 16.12
CA ASP B 97 1.02 1.80 16.33
C ASP B 97 -0.01 0.79 15.83
N ARG B 98 0.44 -0.23 15.08
CA ARG B 98 -0.44 -1.25 14.50
C ARG B 98 -1.52 -0.65 13.60
N ASP B 99 -1.08 0.21 12.68
CA ASP B 99 -1.94 0.89 11.72
C ASP B 99 -2.37 -0.06 10.59
N ILE B 100 -3.38 -0.89 10.85
CA ILE B 100 -3.73 -1.96 9.92
C ILE B 100 -5.21 -2.32 10.10
N ALA B 101 -5.86 -2.66 8.98
CA ALA B 101 -7.27 -3.03 8.94
C ALA B 101 -7.46 -3.96 7.78
N LEU B 102 -8.43 -4.86 7.90
CA LEU B 102 -8.85 -5.78 6.85
C LEU B 102 -10.28 -5.45 6.45
N MET B 103 -10.58 -5.62 5.15
CA MET B 103 -11.93 -5.43 4.64
C MET B 103 -12.34 -6.71 3.92
N LYS B 104 -13.43 -7.32 4.37
CA LYS B 104 -13.98 -8.47 3.65
C LYS B 104 -14.99 -8.01 2.59
N LEU B 105 -14.84 -8.51 1.37
CA LEU B 105 -15.67 -8.08 0.25
C LEU B 105 -16.97 -8.84 0.23
N LYS B 106 -18.04 -8.20 -0.27
CA LYS B 106 -19.34 -8.88 -0.39
C LYS B 106 -19.32 -10.11 -1.29
N LYS B 107 -18.60 -10.02 -2.42
CA LYS B 107 -18.45 -11.16 -3.35
C LYS B 107 -16.98 -11.27 -3.79
N PRO B 108 -16.48 -12.50 -4.06
CA PRO B 108 -15.10 -12.68 -4.54
C PRO B 108 -14.90 -11.86 -5.80
N VAL B 109 -13.81 -11.10 -5.86
CA VAL B 109 -13.44 -10.40 -7.08
C VAL B 109 -12.87 -11.42 -8.05
N ALA B 110 -13.09 -11.17 -9.35
CA ALA B 110 -12.60 -12.06 -10.38
C ALA B 110 -11.24 -11.56 -10.81
N PHE B 111 -10.26 -12.45 -10.83
CA PHE B 111 -8.89 -12.05 -11.16
C PHE B 111 -8.75 -11.86 -12.66
N SER B 112 -7.77 -11.08 -13.09
CA SER B 112 -7.59 -10.80 -14.52
C SER B 112 -6.17 -10.32 -14.76
N ASP B 113 -5.87 -9.81 -15.95
CA ASP B 113 -4.57 -9.18 -16.24
C ASP B 113 -4.28 -7.99 -15.30
N TYR B 114 -5.34 -7.37 -14.76
CA TYR B 114 -5.18 -6.11 -14.02
C TYR B 114 -5.50 -6.27 -12.54
N ILE B 115 -5.93 -7.48 -12.16
CA ILE B 115 -6.38 -7.81 -10.82
C ILE B 115 -5.81 -9.18 -10.37
N HIS B 116 -4.97 -9.15 -9.34
CA HIS B 116 -4.24 -10.34 -8.86
C HIS B 116 -3.70 -10.05 -7.46
N PRO B 117 -3.83 -10.99 -6.49
CA PRO B 117 -3.34 -10.69 -5.13
C PRO B 117 -1.81 -10.68 -4.96
N VAL B 118 -1.34 -9.93 -3.96
CA VAL B 118 0.04 -9.93 -3.53
C VAL B 118 0.26 -11.00 -2.44
N CYS B 119 1.50 -11.47 -2.27
CA CYS B 119 1.82 -12.42 -1.20
C CYS B 119 2.07 -11.70 0.11
N LEU B 120 1.79 -12.39 1.21
CA LEU B 120 2.17 -11.92 2.54
C LEU B 120 3.35 -12.73 2.98
N PRO B 121 4.34 -12.05 3.58
CA PRO B 121 5.62 -12.64 3.92
C PRO B 121 5.51 -13.74 5.00
N ASP B 122 6.30 -14.78 4.84
CA ASP B 122 6.56 -15.69 5.95
C ASP B 122 7.77 -15.16 6.73
N ARG B 123 8.00 -15.74 7.91
CA ARG B 123 9.06 -15.26 8.81
C ARG B 123 10.41 -15.15 8.11
N GLU B 124 10.71 -16.16 7.30
CA GLU B 124 11.96 -16.28 6.60
C GLU B 124 12.13 -15.21 5.52
N THR B 125 11.09 -14.99 4.72
CA THR B 125 11.14 -13.97 3.67
C THR B 125 11.30 -12.59 4.30
N ALA B 126 10.51 -12.31 5.32
CA ALA B 126 10.66 -11.12 6.14
C ALA B 126 12.10 -10.94 6.64
N ALA B 127 12.65 -11.97 7.30
CA ALA B 127 14.00 -11.90 7.85
C ALA B 127 15.02 -11.61 6.77
N SER B 128 14.90 -12.29 5.62
CA SER B 128 15.85 -12.03 4.53
C SER B 128 15.68 -10.70 3.81
N LEU B 129 14.46 -10.22 3.67
CA LEU B 129 14.25 -9.03 2.81
C LEU B 129 14.17 -7.70 3.56
N LEU B 130 13.64 -7.72 4.77
CA LEU B 130 13.48 -6.50 5.55
C LEU B 130 14.78 -6.05 6.20
N GLN B 131 15.70 -5.55 5.37
CA GLN B 131 17.02 -5.15 5.84
C GLN B 131 17.38 -3.77 5.30
N ALA B 132 18.04 -2.97 6.13
CA ALA B 132 18.42 -1.61 5.75
C ALA B 132 19.27 -1.67 4.51
N GLY B 133 19.03 -0.76 3.56
CA GLY B 133 19.73 -0.83 2.28
C GLY B 133 18.90 -1.48 1.19
N TYR B 134 18.23 -2.60 1.51
CA TYR B 134 17.33 -3.28 0.55
C TYR B 134 16.15 -2.40 0.17
N LYS B 135 15.80 -2.37 -1.12
CA LYS B 135 14.72 -1.49 -1.60
C LYS B 135 13.35 -2.20 -1.81
N GLY B 136 12.29 -1.50 -1.48
CA GLY B 136 10.98 -1.93 -1.89
C GLY B 136 10.33 -0.87 -2.74
N ARG B 137 9.05 -1.04 -3.02
CA ARG B 137 8.30 -0.20 -3.95
C ARG B 137 6.97 0.19 -3.31
N VAL B 138 6.60 1.45 -3.48
CA VAL B 138 5.35 2.01 -2.94
C VAL B 138 4.59 2.61 -4.09
N THR B 139 3.27 2.46 -4.09
CA THR B 139 2.46 2.94 -5.18
C THR B 139 1.21 3.59 -4.62
N GLY B 140 0.64 4.56 -5.35
CA GLY B 140 -0.64 5.12 -4.99
C GLY B 140 -0.98 6.32 -5.87
N TRP B 141 -2.17 6.86 -5.66
CA TRP B 141 -2.68 8.01 -6.37
C TRP B 141 -2.74 9.27 -5.47
N GLY B 142 -1.92 9.33 -4.43
CA GLY B 142 -1.91 10.50 -3.55
C GLY B 142 -1.11 11.68 -4.09
N ASN B 143 -0.88 12.65 -3.21
CA ASN B 143 -0.19 13.88 -3.55
C ASN B 143 1.15 13.71 -4.23
N LEU B 144 1.36 14.51 -5.27
CA LEU B 144 2.64 14.62 -5.94
C LEU B 144 3.62 15.52 -5.18
N LYS B 145 3.09 16.39 -4.33
CA LYS B 145 3.92 17.28 -3.51
C LYS B 145 3.28 17.53 -2.15
N GLU B 146 4.09 17.93 -1.18
CA GLU B 146 3.61 18.08 0.19
C GLU B 146 2.49 19.11 0.34
N THR B 147 2.67 20.30 -0.22
CA THR B 147 1.63 21.34 -0.22
C THR B 147 1.13 21.56 -1.64
N GLY B 155 -1.78 19.15 -7.88
CA GLY B 155 -0.84 18.21 -7.19
C GLY B 155 -1.36 16.78 -7.17
N GLN B 156 -2.32 16.50 -8.06
CA GLN B 156 -2.87 15.15 -8.17
C GLN B 156 -2.41 14.48 -9.49
N PRO B 157 -1.98 13.20 -9.42
CA PRO B 157 -1.54 12.49 -10.62
C PRO B 157 -2.74 12.07 -11.49
N SER B 158 -2.55 11.95 -12.80
CA SER B 158 -3.65 11.40 -13.61
C SER B 158 -3.70 9.87 -13.48
N VAL B 159 -2.52 9.27 -13.36
CA VAL B 159 -2.43 7.82 -13.16
C VAL B 159 -1.62 7.40 -11.91
N LEU B 160 -1.73 6.11 -11.58
CA LEU B 160 -1.03 5.48 -10.48
C LEU B 160 0.46 5.80 -10.56
N GLN B 161 1.04 6.20 -9.44
CA GLN B 161 2.49 6.50 -9.33
C GLN B 161 3.27 5.42 -8.59
N VAL B 162 4.56 5.33 -8.86
CA VAL B 162 5.41 4.31 -8.28
C VAL B 162 6.75 4.91 -7.88
N VAL B 163 7.29 4.47 -6.74
CA VAL B 163 8.66 4.78 -6.36
C VAL B 163 9.29 3.63 -5.58
N ASN B 164 10.56 3.33 -5.89
CA ASN B 164 11.37 2.38 -5.14
C ASN B 164 12.21 3.06 -4.07
N LEU B 165 12.22 2.53 -2.85
CA LEU B 165 12.92 3.21 -1.73
C LEU B 165 13.65 2.22 -0.85
N PRO B 166 14.84 2.61 -0.34
CA PRO B 166 15.57 1.72 0.57
C PRO B 166 15.02 1.78 2.00
N ILE B 167 14.93 0.61 2.60
CA ILE B 167 14.62 0.47 4.01
C ILE B 167 15.78 1.14 4.78
N VAL B 168 15.41 1.93 5.78
CA VAL B 168 16.40 2.65 6.62
C VAL B 168 16.61 2.01 8.01
N GLU B 169 17.88 2.05 8.48
CA GLU B 169 18.27 1.55 9.82
C GLU B 169 17.40 2.17 10.91
N ARG B 170 17.02 1.37 11.87
CA ARG B 170 16.17 1.81 12.98
C ARG B 170 16.66 3.06 13.77
N PRO B 171 17.99 3.17 14.05
CA PRO B 171 18.53 4.37 14.73
C PRO B 171 18.34 5.64 13.93
N VAL B 172 18.56 5.57 12.62
CA VAL B 172 18.26 6.68 11.73
C VAL B 172 16.75 7.00 11.75
N CYS B 173 15.88 5.99 11.62
CA CYS B 173 14.44 6.22 11.67
C CYS B 173 14.07 6.97 12.95
N LYS B 174 14.44 6.40 14.11
CA LYS B 174 14.17 7.02 15.42
C LYS B 174 14.74 8.43 15.55
N ASP B 175 15.95 8.63 15.08
CA ASP B 175 16.50 9.98 15.21
C ASP B 175 15.89 11.02 14.26
N SER B 176 15.11 10.58 13.27
CA SER B 176 14.58 11.47 12.26
C SER B 176 13.28 12.12 12.68
N THR B 177 12.73 11.64 13.79
CA THR B 177 11.38 12.00 14.17
C THR B 177 11.22 12.23 15.68
N ARG B 178 10.23 13.05 16.01
CA ARG B 178 9.76 13.27 17.38
C ARG B 178 8.80 12.22 17.89
N ILE B 179 8.23 11.40 16.99
CA ILE B 179 7.25 10.39 17.36
C ILE B 179 7.94 9.15 17.93
N ARG B 180 7.31 8.53 18.93
CA ARG B 180 7.80 7.25 19.44
C ARG B 180 7.51 6.10 18.45
N ILE B 181 8.59 5.55 17.87
CA ILE B 181 8.56 4.49 16.87
C ILE B 181 8.49 3.15 17.58
N THR B 182 7.72 2.18 17.04
CA THR B 182 7.64 0.85 17.63
C THR B 182 8.13 -0.18 16.64
N ASP B 183 8.37 -1.40 17.13
CA ASP B 183 8.70 -2.59 16.31
C ASP B 183 7.67 -2.92 15.20
N ASN B 184 6.45 -2.38 15.28
CA ASN B 184 5.38 -2.57 14.27
C ASN B 184 5.47 -1.57 13.13
N MET B 185 6.65 -0.93 13.03
CA MET B 185 6.89 0.10 12.06
C MET B 185 8.27 -0.13 11.52
N PHE B 186 8.47 0.31 10.28
CA PHE B 186 9.80 0.49 9.71
C PHE B 186 9.75 1.75 8.88
N CYS B 187 10.91 2.34 8.61
CA CYS B 187 10.93 3.48 7.71
C CYS B 187 11.81 3.24 6.45
N ALA B 188 11.54 4.04 5.42
CA ALA B 188 12.13 3.85 4.12
C ALA B 188 12.27 5.20 3.43
N GLY B 189 13.30 5.33 2.61
CA GLY B 189 13.59 6.58 1.93
C GLY B 189 15.09 6.81 1.89
N TYR B 190 15.51 7.69 1.00
CA TYR B 190 16.91 7.96 0.86
C TYR B 190 17.39 8.93 1.94
N LYS B 191 18.63 8.73 2.39
CA LYS B 191 19.30 9.65 3.33
C LYS B 191 19.68 10.95 2.61
N PRO B 192 19.71 12.08 3.35
CA PRO B 192 19.76 13.45 2.81
C PRO B 192 20.75 13.68 1.68
N ASP B 193 21.87 12.97 1.72
CA ASP B 193 22.95 13.20 0.76
C ASP B 193 22.97 12.18 -0.36
N GLU B 194 22.41 10.99 -0.10
CA GLU B 194 22.36 9.88 -1.08
C GLU B 194 21.94 10.27 -2.50
N GLY B 195 21.36 11.45 -2.65
CA GLY B 195 21.18 12.03 -3.96
C GLY B 195 19.84 11.74 -4.63
N LYS B 196 19.34 10.52 -4.44
CA LYS B 196 18.00 10.14 -4.94
C LYS B 196 16.92 10.57 -3.94
N ARG B 197 15.71 10.83 -4.45
CA ARG B 197 14.58 11.30 -3.63
C ARG B 197 13.37 10.36 -3.75
N GLY B 198 12.26 10.73 -3.13
CA GLY B 198 11.01 9.97 -3.21
C GLY B 198 10.35 9.70 -1.86
N ASP B 199 9.02 9.74 -1.85
CA ASP B 199 8.25 9.46 -0.65
C ASP B 199 6.80 9.23 -1.02
N ALA B 200 6.10 8.52 -0.13
CA ALA B 200 4.66 8.50 -0.15
C ALA B 200 4.20 9.83 0.45
N CYS B 201 2.90 10.08 0.44
CA CYS B 201 2.37 11.35 0.89
C CYS B 201 0.88 11.13 1.19
N GLU B 202 0.14 12.20 1.55
CA GLU B 202 -1.30 12.07 1.80
C GLU B 202 -1.98 11.51 0.56
N GLY B 203 -2.99 10.66 0.78
CA GLY B 203 -3.70 9.97 -0.30
C GLY B 203 -3.17 8.58 -0.65
N ASP B 204 -1.87 8.34 -0.40
CA ASP B 204 -1.19 7.04 -0.63
C ASP B 204 -1.42 6.10 0.54
N SER B 205 -1.88 6.71 1.61
CA SER B 205 -2.11 6.06 2.85
C SER B 205 -2.77 4.71 2.62
N GLY B 206 -2.38 3.67 3.37
CA GLY B 206 -3.03 2.37 3.22
C GLY B 206 -2.53 1.54 2.04
N GLY B 207 -1.78 2.16 1.13
CA GLY B 207 -1.19 1.42 0.03
C GLY B 207 -0.08 0.48 0.46
N PRO B 208 0.31 -0.43 -0.43
CA PRO B 208 1.31 -1.46 -0.09
C PRO B 208 2.74 -1.03 -0.36
N PHE B 209 3.64 -1.39 0.56
CA PHE B 209 5.06 -1.36 0.34
C PHE B 209 5.43 -2.84 0.08
N VAL B 210 5.88 -3.14 -1.13
CA VAL B 210 6.09 -4.53 -1.57
C VAL B 210 7.55 -4.71 -1.93
N MET B 211 8.04 -5.96 -1.87
CA MET B 211 9.38 -6.33 -2.32
C MET B 211 9.28 -7.57 -3.19
N LYS B 212 10.16 -7.68 -4.17
CA LYS B 212 10.15 -8.89 -5.02
C LYS B 212 11.20 -9.87 -4.53
N SER B 213 10.76 -11.08 -4.24
CA SER B 213 11.66 -12.12 -3.78
C SER B 213 12.63 -12.55 -4.87
N PRO B 214 13.93 -12.58 -4.54
CA PRO B 214 14.90 -13.16 -5.47
C PRO B 214 14.91 -14.69 -5.39
N PHE B 215 14.12 -15.27 -4.49
CA PHE B 215 14.14 -16.71 -4.35
C PHE B 215 13.08 -17.34 -5.25
N ASN B 216 11.88 -16.77 -5.25
CA ASN B 216 10.77 -17.36 -5.98
C ASN B 216 10.08 -16.46 -7.02
N ASN B 217 10.63 -15.27 -7.25
CA ASN B 217 10.08 -14.24 -8.17
C ASN B 217 8.70 -13.64 -7.82
N ARG B 218 8.25 -13.87 -6.60
CA ARG B 218 6.95 -13.37 -6.17
C ARG B 218 7.08 -12.05 -5.41
N TRP B 219 6.02 -11.26 -5.47
CA TRP B 219 6.01 -9.97 -4.82
C TRP B 219 5.33 -10.17 -3.52
N TYR B 220 6.00 -9.67 -2.47
CA TYR B 220 5.53 -9.75 -1.09
C TYR B 220 5.20 -8.40 -0.54
N GLN B 221 4.07 -8.30 0.14
CA GLN B 221 3.80 -7.03 0.79
C GLN B 221 4.38 -6.94 2.21
N MET B 222 5.30 -6.00 2.42
CA MET B 222 6.00 -5.96 3.69
C MET B 222 5.53 -4.84 4.53
N GLY B 223 4.97 -3.84 3.88
CA GLY B 223 4.62 -2.62 4.57
C GLY B 223 3.31 -2.06 4.08
N ILE B 224 2.72 -1.19 4.90
CA ILE B 224 1.60 -0.39 4.53
C ILE B 224 1.84 1.09 4.78
N VAL B 225 1.50 1.95 3.81
CA VAL B 225 1.75 3.41 3.98
C VAL B 225 0.98 3.92 5.17
N SER B 226 1.70 4.51 6.13
CA SER B 226 1.15 4.86 7.41
C SER B 226 1.20 6.35 7.75
N TRP B 227 2.41 6.89 7.92
CA TRP B 227 2.61 8.30 8.26
C TRP B 227 4.01 8.82 7.94
N GLY B 228 4.20 10.12 8.11
CA GLY B 228 5.51 10.73 7.96
C GLY B 228 5.44 12.23 8.22
N GLU B 229 6.55 12.81 8.65
CA GLU B 229 6.62 14.26 8.89
C GLU B 229 6.78 14.95 7.51
N GLY B 230 5.71 15.52 6.98
CA GLY B 230 5.73 16.05 5.62
C GLY B 230 5.89 14.95 4.58
N CYS B 231 6.33 15.32 3.38
CA CYS B 231 6.59 14.34 2.29
C CYS B 231 7.88 14.66 1.55
N ASP B 232 8.79 13.71 1.49
CA ASP B 232 10.09 13.86 0.78
C ASP B 232 11.02 15.02 1.27
N ARG B 233 10.99 15.29 2.58
CA ARG B 233 11.88 16.27 3.19
C ARG B 233 13.23 15.61 3.44
N ASP B 234 14.31 16.39 3.37
CA ASP B 234 15.63 15.82 3.67
C ASP B 234 15.71 15.42 5.15
N GLY B 235 16.33 14.28 5.45
CA GLY B 235 16.47 13.81 6.84
C GLY B 235 15.18 13.35 7.52
N LYS B 236 14.08 13.30 6.75
CA LYS B 236 12.84 12.64 7.16
C LYS B 236 12.62 11.37 6.33
N TYR B 237 11.74 10.50 6.81
CA TYR B 237 11.48 9.23 6.14
C TYR B 237 9.99 8.87 6.22
N GLY B 238 9.48 8.10 5.25
CA GLY B 238 8.13 7.58 5.34
C GLY B 238 8.07 6.40 6.30
N PHE B 239 6.99 6.33 7.06
CA PHE B 239 6.82 5.24 8.02
C PHE B 239 5.68 4.28 7.58
N TYR B 240 5.91 2.98 7.78
CA TYR B 240 5.06 1.91 7.21
C TYR B 240 4.66 0.93 8.30
N THR B 241 3.42 0.42 8.25
CA THR B 241 3.07 -0.65 9.16
C THR B 241 3.87 -1.93 8.76
N HIS B 242 4.53 -2.58 9.74
CA HIS B 242 5.31 -3.80 9.53
C HIS B 242 4.36 -4.97 9.43
N VAL B 243 4.06 -5.41 8.21
CA VAL B 243 2.97 -6.36 8.02
C VAL B 243 3.29 -7.73 8.64
N PHE B 244 4.52 -8.24 8.43
CA PHE B 244 4.86 -9.51 9.06
C PHE B 244 4.63 -9.54 10.59
N ARG B 245 4.97 -8.45 11.27
CA ARG B 245 4.84 -8.39 12.74
C ARG B 245 3.38 -8.56 13.15
N LEU B 246 2.45 -8.23 12.24
CA LEU B 246 1.04 -8.26 12.58
C LEU B 246 0.27 -9.43 11.91
N LYS B 247 1.01 -10.42 11.42
CA LYS B 247 0.44 -11.45 10.56
C LYS B 247 -0.39 -12.48 11.33
N LYS B 248 -0.03 -12.72 12.59
CA LYS B 248 -0.86 -13.53 13.48
C LYS B 248 -2.30 -12.96 13.51
N TRP B 249 -2.41 -11.65 13.68
CA TRP B 249 -3.70 -10.99 13.66
C TRP B 249 -4.38 -11.11 12.29
N ILE B 250 -3.61 -10.94 11.23
CA ILE B 250 -4.16 -11.07 9.89
C ILE B 250 -4.77 -12.46 9.72
N GLN B 251 -4.00 -13.50 10.02
CA GLN B 251 -4.43 -14.89 9.85
C GLN B 251 -5.64 -15.21 10.74
N LYS B 252 -5.56 -14.75 11.98
CA LYS B 252 -6.62 -14.89 12.96
C LYS B 252 -7.96 -14.44 12.36
N VAL B 253 -7.98 -13.22 11.82
CA VAL B 253 -9.19 -12.66 11.23
C VAL B 253 -9.70 -13.49 10.05
N ILE B 254 -8.77 -14.00 9.24
CA ILE B 254 -9.16 -14.69 8.02
C ILE B 254 -9.67 -16.10 8.31
N ASP B 255 -9.15 -16.75 9.35
CA ASP B 255 -9.72 -18.01 9.85
C ASP B 255 -11.15 -17.78 10.34
N GLN B 256 -11.43 -16.55 10.78
CA GLN B 256 -12.75 -16.09 11.24
C GLN B 256 -13.16 -16.68 12.56
N ASP C 1 -13.79 15.92 -9.35
CA ASP C 1 -13.51 15.61 -10.79
C ASP C 1 -13.25 14.12 -11.04
N PHE C 2 -13.79 13.27 -10.19
CA PHE C 2 -13.84 11.85 -10.47
C PHE C 2 -15.03 11.65 -11.40
N GLU C 3 -14.79 10.98 -12.51
CA GLU C 3 -15.88 10.57 -13.39
C GLU C 3 -16.89 9.77 -12.58
N GLU C 4 -18.17 10.03 -12.84
CA GLU C 4 -19.27 9.29 -12.24
C GLU C 4 -19.07 7.81 -12.52
N ILE C 5 -19.21 6.99 -11.49
CA ILE C 5 -19.17 5.53 -11.65
C ILE C 5 -20.62 5.03 -11.82
N PRO C 6 -20.82 3.87 -12.48
CA PRO C 6 -22.15 3.24 -12.57
C PRO C 6 -22.95 3.20 -11.27
N GLY C 7 -24.25 3.53 -11.38
CA GLY C 7 -25.19 3.55 -10.26
C GLY C 7 -25.48 2.23 -9.57
N GLU C 8 -25.31 1.14 -10.32
CA GLU C 8 -25.45 -0.23 -9.81
C GLU C 8 -24.59 -0.52 -8.57
N LEU C 10 -24.17 1.60 -6.21
CA LEU C 10 -24.78 2.45 -5.15
C LEU C 10 -24.15 3.86 -5.12
#